data_2Q1O
#
_entry.id   2Q1O
#
_cell.length_a   22.900
_cell.length_b   32.060
_cell.length_c   42.930
_cell.angle_alpha   96.24
_cell.angle_beta   83.87
_cell.angle_gamma   93.91
#
_symmetry.space_group_name_H-M   'P 1'
#
loop_
_entity.id
_entity.type
_entity.pdbx_description
1 polymer "RNA (5'-R(*CP*GP*CP*(NF2)P*AP*AP*UP*UP*GP*GP*CP*G)-3')"
2 water water
#
_entity_poly.entity_id   1
_entity_poly.type   'polyribonucleotide'
_entity_poly.pdbx_seq_one_letter_code
;CGC(NF2)AAUUGGCG
;
_entity_poly.pdbx_strand_id   A,B,C,D
#